data_8AQO
#
_entry.id   8AQO
#
_cell.length_a   114.778
_cell.length_b   89.134
_cell.length_c   57.709
_cell.angle_alpha   90.000
_cell.angle_beta   97.570
_cell.angle_gamma   90.000
#
_symmetry.space_group_name_H-M   'C 1 2 1'
#
loop_
_entity.id
_entity.type
_entity.pdbx_description
1 polymer Streptavidin
2 non-polymer 5-[(3~{a}~{S},4~{S},6~{a}~{R})-2-oxidanylidene-1,3,3~{a},4,6,6~{a}-hexahydrothieno[3,4-d]imidazol-4-yl]-~{N}-[2-[[20-[2-[5-[(3~{a}~{S},4~{S},6~{a}~{R})-2-oxidanylidene-1,3,3~{a},4,6,6~{a}-hexahydrothieno[3,4-d]imidazol-4-yl]pentanoylamino]ethanoylamino]-2$l^{3},4,12,14$l^{3},16,24,25$l^{3},27$l^{3}-octathia-1$l^{4},3$l^{4},13$l^{4},15$l^{4}-tetraferranonacyclo[11.11.1.1^{1,13}.1^{6,10}.1^{18,22}.0^{2,15}.0^{3,14}.0^{3,25}.0^{15,27}]octacosa-6(28),7,9,18,20,22(26)-hexaen-8-yl]amino]-2-oxidanylidene-ethyl]pentanamide
3 water water
#
_entity_poly.entity_id   1
_entity_poly.type   'polypeptide(L)'
_entity_poly.pdbx_seq_one_letter_code
;ASMTGGQQMGRDEAGITGTWYNQLGSTFIVTAGADGALTGTYESAVGNAESRYVLTGRYDSAPATDGSGTALGWTVAWKN
NYRNAHSATTWSGQYVGGAEARINTQWLLTAGTTEANAWASTLVGHDTFTKVKPSAASIDAAKKAGVNNGNPLDAVQQ
;
_entity_poly.pdbx_strand_id   A,B,C,D
#
# COMPACT_ATOMS: atom_id res chain seq x y z
N ARG A 11 -22.67 -17.35 -9.00
CA ARG A 11 -21.70 -16.25 -8.84
C ARG A 11 -22.45 -15.00 -8.39
N ASP A 12 -21.75 -13.86 -8.49
CA ASP A 12 -22.22 -12.63 -7.92
C ASP A 12 -22.45 -11.63 -9.04
N GLU A 13 -22.65 -12.16 -10.26
CA GLU A 13 -22.87 -11.32 -11.42
C GLU A 13 -23.98 -10.33 -11.14
N ALA A 14 -25.08 -10.81 -10.59
CA ALA A 14 -26.23 -9.96 -10.33
C ALA A 14 -25.91 -9.04 -9.15
N GLY A 15 -25.27 -9.58 -8.10
CA GLY A 15 -24.98 -8.82 -6.90
C GLY A 15 -24.07 -7.61 -7.16
N ILE A 16 -23.11 -7.75 -8.09
CA ILE A 16 -22.08 -6.73 -8.32
C ILE A 16 -22.59 -5.70 -9.31
N THR A 17 -23.25 -6.17 -10.36
CA THR A 17 -23.78 -5.28 -11.38
C THR A 17 -24.68 -4.21 -10.75
N GLY A 18 -24.45 -2.94 -11.12
CA GLY A 18 -25.19 -1.81 -10.58
C GLY A 18 -24.31 -0.61 -10.20
N THR A 19 -24.88 0.23 -9.34
CA THR A 19 -24.28 1.49 -8.95
C THR A 19 -23.84 1.39 -7.50
N TRP A 20 -22.58 1.79 -7.25
CA TRP A 20 -22.00 1.79 -5.93
C TRP A 20 -21.47 3.19 -5.59
N TYR A 21 -21.51 3.55 -4.30
CA TYR A 21 -21.09 4.86 -3.82
C TYR A 21 -20.06 4.64 -2.73
N ASN A 22 -18.95 5.38 -2.78
CA ASN A 22 -17.98 5.22 -1.73
C ASN A 22 -18.21 6.31 -0.68
N GLN A 23 -17.38 6.26 0.37
CA GLN A 23 -17.45 7.17 1.50
C GLN A 23 -17.19 8.64 1.08
N LEU A 24 -16.69 8.92 -0.13
CA LEU A 24 -16.41 10.29 -0.55
C LEU A 24 -17.53 10.86 -1.43
N GLY A 25 -18.52 10.03 -1.80
CA GLY A 25 -19.58 10.44 -2.72
C GLY A 25 -19.30 10.04 -4.16
N SER A 26 -18.20 9.33 -4.40
CA SER A 26 -17.85 8.89 -5.74
C SER A 26 -18.83 7.81 -6.18
N THR A 27 -19.00 7.66 -7.51
N THR A 27 -19.15 7.87 -7.46
CA THR A 27 -20.00 6.77 -8.08
CA THR A 27 -20.16 7.04 -8.09
C THR A 27 -19.40 5.81 -9.11
C THR A 27 -19.44 6.12 -9.06
N PHE A 28 -19.52 4.52 -8.78
N PHE A 28 -19.55 4.82 -8.87
CA PHE A 28 -19.00 3.40 -9.54
CA PHE A 28 -19.06 3.91 -9.87
C PHE A 28 -20.16 2.70 -10.24
C PHE A 28 -20.17 2.95 -10.27
N ILE A 29 -20.25 2.78 -11.58
CA ILE A 29 -21.33 2.08 -12.27
C ILE A 29 -20.71 0.90 -13.01
N VAL A 30 -21.15 -0.31 -12.69
CA VAL A 30 -20.40 -1.44 -13.18
C VAL A 30 -21.35 -2.54 -13.67
N THR A 31 -20.89 -3.18 -14.76
CA THR A 31 -21.47 -4.43 -15.24
C THR A 31 -20.50 -5.57 -15.00
N ALA A 32 -20.95 -6.61 -14.28
CA ALA A 32 -20.18 -7.84 -14.17
C ALA A 32 -20.61 -8.83 -15.26
N GLY A 33 -19.66 -9.23 -16.10
CA GLY A 33 -19.92 -10.19 -17.15
C GLY A 33 -19.78 -11.62 -16.62
N ALA A 34 -20.45 -12.54 -17.30
CA ALA A 34 -20.36 -13.96 -17.01
C ALA A 34 -18.94 -14.53 -17.07
N ASP A 35 -18.03 -13.92 -17.85
CA ASP A 35 -16.67 -14.44 -18.06
C ASP A 35 -15.67 -13.90 -17.03
N GLY A 36 -16.14 -13.02 -16.15
CA GLY A 36 -15.29 -12.46 -15.11
C GLY A 36 -14.94 -11.00 -15.37
N ALA A 37 -15.51 -10.38 -16.41
CA ALA A 37 -15.17 -9.00 -16.78
C ALA A 37 -15.91 -7.99 -15.90
N LEU A 38 -15.30 -6.82 -15.68
CA LEU A 38 -16.00 -5.65 -15.15
C LEU A 38 -15.79 -4.53 -16.14
N THR A 39 -16.87 -3.80 -16.40
CA THR A 39 -16.86 -2.68 -17.31
C THR A 39 -17.88 -1.67 -16.78
N GLY A 40 -17.61 -0.39 -17.06
CA GLY A 40 -18.48 0.66 -16.58
C GLY A 40 -17.76 2.01 -16.52
N THR A 41 -18.22 2.86 -15.61
CA THR A 41 -17.80 4.24 -15.54
C THR A 41 -17.57 4.51 -14.05
N TYR A 42 -16.65 5.43 -13.79
CA TYR A 42 -16.38 5.94 -12.46
C TYR A 42 -16.46 7.46 -12.49
N GLU A 43 -17.07 8.05 -11.48
CA GLU A 43 -17.10 9.50 -11.32
C GLU A 43 -16.54 9.82 -9.94
N SER A 44 -15.41 10.52 -9.87
CA SER A 44 -14.79 10.84 -8.58
C SER A 44 -15.34 12.16 -8.04
N ALA A 45 -15.70 12.18 -6.75
CA ALA A 45 -16.11 13.43 -6.11
C ALA A 45 -14.90 14.28 -5.71
N VAL A 46 -13.70 13.70 -5.78
CA VAL A 46 -12.51 14.39 -5.31
C VAL A 46 -11.44 14.39 -6.40
N GLY A 47 -10.46 15.28 -6.21
CA GLY A 47 -9.29 15.39 -7.05
C GLY A 47 -9.57 16.02 -8.40
N ASN A 48 -8.62 15.80 -9.32
CA ASN A 48 -8.55 16.45 -10.62
C ASN A 48 -9.36 15.62 -11.62
N ALA A 49 -10.68 15.73 -11.50
CA ALA A 49 -11.59 14.83 -12.19
C ALA A 49 -12.93 15.53 -12.42
N GLU A 50 -13.56 15.29 -13.58
CA GLU A 50 -14.94 15.70 -13.78
C GLU A 50 -15.71 14.75 -14.71
N SER A 51 -16.97 14.52 -14.36
N SER A 51 -16.96 14.50 -14.32
CA SER A 51 -17.84 13.62 -15.10
CA SER A 51 -17.86 13.58 -14.98
C SER A 51 -17.31 12.19 -14.99
C SER A 51 -17.26 12.17 -15.00
N ARG A 52 -17.65 11.37 -15.99
CA ARG A 52 -17.40 9.93 -15.99
C ARG A 52 -16.12 9.59 -16.75
N TYR A 53 -15.46 8.51 -16.24
CA TYR A 53 -14.27 7.90 -16.81
C TYR A 53 -14.53 6.41 -17.03
N VAL A 54 -13.93 5.88 -18.09
CA VAL A 54 -13.99 4.48 -18.38
C VAL A 54 -13.24 3.69 -17.29
N LEU A 55 -13.80 2.52 -16.91
CA LEU A 55 -13.08 1.56 -16.08
C LEU A 55 -13.24 0.17 -16.65
N THR A 56 -12.23 -0.65 -16.38
CA THR A 56 -12.23 -2.05 -16.74
C THR A 56 -11.59 -2.81 -15.60
N GLY A 57 -12.06 -4.04 -15.37
CA GLY A 57 -11.47 -4.86 -14.31
C GLY A 57 -11.91 -6.31 -14.45
N ARG A 58 -11.62 -7.06 -13.40
CA ARG A 58 -11.95 -8.46 -13.30
C ARG A 58 -12.52 -8.80 -11.95
N TYR A 59 -13.30 -9.89 -11.89
CA TYR A 59 -13.71 -10.48 -10.62
C TYR A 59 -13.65 -12.00 -10.72
N ASP A 60 -13.64 -12.66 -9.56
CA ASP A 60 -13.73 -14.09 -9.42
C ASP A 60 -15.18 -14.53 -9.68
N SER A 61 -15.42 -15.06 -10.89
CA SER A 61 -16.75 -15.49 -11.29
C SER A 61 -17.12 -16.87 -10.70
N ALA A 62 -16.22 -17.56 -9.99
CA ALA A 62 -16.61 -18.79 -9.28
C ALA A 62 -16.01 -18.82 -7.88
N PRO A 63 -16.49 -17.98 -6.95
CA PRO A 63 -15.86 -17.82 -5.64
C PRO A 63 -16.09 -19.03 -4.73
N ALA A 64 -15.38 -19.06 -3.58
CA ALA A 64 -15.57 -20.04 -2.54
C ALA A 64 -17.00 -19.91 -2.03
N THR A 65 -17.53 -20.97 -1.40
CA THR A 65 -18.91 -21.00 -0.91
C THR A 65 -18.92 -21.04 0.62
N ASP A 66 -17.75 -20.85 1.24
CA ASP A 66 -17.58 -20.82 2.69
C ASP A 66 -17.98 -19.46 3.28
N GLY A 67 -18.70 -18.64 2.51
CA GLY A 67 -19.06 -17.29 2.93
C GLY A 67 -17.90 -16.29 2.82
N SER A 68 -16.89 -16.63 2.02
CA SER A 68 -15.82 -15.69 1.73
C SER A 68 -16.37 -14.61 0.83
N GLY A 69 -15.75 -13.42 0.86
CA GLY A 69 -15.94 -12.46 -0.21
C GLY A 69 -15.45 -12.94 -1.59
N THR A 70 -15.83 -12.17 -2.60
CA THR A 70 -15.46 -12.38 -3.99
C THR A 70 -14.39 -11.37 -4.39
N ALA A 71 -13.18 -11.84 -4.68
CA ALA A 71 -12.11 -10.94 -5.04
C ALA A 71 -12.37 -10.23 -6.38
N LEU A 72 -12.00 -8.94 -6.45
N LEU A 72 -11.97 -8.95 -6.45
CA LEU A 72 -12.12 -8.21 -7.71
CA LEU A 72 -12.13 -8.19 -7.68
C LEU A 72 -11.13 -7.06 -7.72
C LEU A 72 -11.12 -7.05 -7.72
N GLY A 73 -11.02 -6.44 -8.88
CA GLY A 73 -10.23 -5.24 -9.05
C GLY A 73 -10.63 -4.54 -10.33
N TRP A 74 -10.34 -3.22 -10.38
CA TRP A 74 -10.55 -2.45 -11.57
C TRP A 74 -9.60 -1.26 -11.58
N THR A 75 -9.47 -0.68 -12.79
CA THR A 75 -8.61 0.45 -13.08
C THR A 75 -9.41 1.60 -13.72
N VAL A 76 -9.06 2.82 -13.35
CA VAL A 76 -9.46 4.03 -14.06
C VAL A 76 -8.22 4.82 -14.41
N ALA A 77 -8.07 5.12 -15.71
CA ALA A 77 -7.14 6.16 -16.15
C ALA A 77 -7.89 7.49 -16.24
N TRP A 78 -7.34 8.52 -15.60
CA TRP A 78 -8.06 9.76 -15.38
C TRP A 78 -8.00 10.71 -16.60
N LYS A 79 -8.32 10.15 -17.76
CA LYS A 79 -8.47 10.88 -19.01
C LYS A 79 -9.88 10.61 -19.57
N ASN A 80 -10.61 11.70 -19.83
CA ASN A 80 -11.90 11.65 -20.54
C ASN A 80 -11.97 12.86 -21.49
N ASN A 81 -13.17 13.15 -22.02
CA ASN A 81 -13.36 14.25 -22.95
C ASN A 81 -13.16 15.61 -22.29
N TYR A 82 -13.30 15.67 -20.96
CA TYR A 82 -13.25 16.92 -20.22
C TYR A 82 -11.86 17.21 -19.66
N ARG A 83 -11.12 16.19 -19.19
CA ARG A 83 -9.93 16.47 -18.39
C ARG A 83 -8.95 15.33 -18.55
N ASN A 84 -7.68 15.64 -18.27
CA ASN A 84 -6.66 14.62 -18.18
C ASN A 84 -5.75 14.93 -16.99
N ALA A 85 -5.77 14.06 -15.97
CA ALA A 85 -4.95 14.23 -14.78
C ALA A 85 -3.61 13.47 -14.88
N HIS A 86 -3.32 12.81 -16.02
CA HIS A 86 -2.09 12.04 -16.24
C HIS A 86 -1.83 11.11 -15.05
N SER A 87 -2.81 10.23 -14.82
CA SER A 87 -2.74 9.37 -13.65
C SER A 87 -3.75 8.24 -13.81
N ALA A 88 -3.59 7.23 -12.93
CA ALA A 88 -4.44 6.04 -12.95
C ALA A 88 -4.59 5.52 -11.53
N THR A 89 -5.82 5.12 -11.21
CA THR A 89 -6.09 4.40 -9.98
C THR A 89 -6.49 2.97 -10.29
N THR A 90 -6.01 2.05 -9.42
CA THR A 90 -6.49 0.69 -9.32
C THR A 90 -7.05 0.49 -7.92
N TRP A 91 -8.23 -0.14 -7.91
CA TRP A 91 -8.85 -0.65 -6.71
C TRP A 91 -8.75 -2.16 -6.69
N SER A 92 -8.27 -2.68 -5.55
CA SER A 92 -8.20 -4.11 -5.31
C SER A 92 -9.05 -4.40 -4.07
N GLY A 93 -9.97 -5.37 -4.16
CA GLY A 93 -10.79 -5.61 -2.98
C GLY A 93 -11.66 -6.85 -3.09
N GLN A 94 -12.73 -6.86 -2.29
CA GLN A 94 -13.67 -7.97 -2.31
C GLN A 94 -15.11 -7.48 -2.13
N TYR A 95 -16.04 -8.12 -2.86
CA TYR A 95 -17.47 -7.91 -2.71
C TYR A 95 -18.02 -8.83 -1.61
N VAL A 96 -18.83 -8.24 -0.73
CA VAL A 96 -19.57 -9.04 0.25
C VAL A 96 -21.05 -8.80 -0.01
N GLY A 97 -21.79 -9.85 -0.37
CA GLY A 97 -23.21 -9.72 -0.71
C GLY A 97 -24.10 -9.64 0.53
N GLY A 98 -25.42 -9.57 0.32
CA GLY A 98 -26.37 -9.55 1.43
C GLY A 98 -27.22 -8.29 1.43
N ALA A 99 -27.87 -8.05 2.57
CA ALA A 99 -28.79 -6.93 2.71
C ALA A 99 -28.00 -5.62 2.65
N GLU A 100 -26.84 -5.61 3.35
CA GLU A 100 -25.92 -4.49 3.33
C GLU A 100 -24.65 -4.87 2.55
N ALA A 101 -24.86 -5.02 1.24
CA ALA A 101 -23.79 -5.37 0.32
C ALA A 101 -22.73 -4.27 0.33
N ARG A 102 -21.48 -4.71 0.25
CA ARG A 102 -20.32 -3.85 0.39
C ARG A 102 -19.27 -4.32 -0.60
N ILE A 103 -18.52 -3.38 -1.16
CA ILE A 103 -17.22 -3.68 -1.78
C ILE A 103 -16.17 -2.94 -0.98
N ASN A 104 -15.34 -3.72 -0.27
CA ASN A 104 -14.23 -3.21 0.52
C ASN A 104 -12.96 -3.22 -0.33
N THR A 105 -12.35 -2.03 -0.55
CA THR A 105 -11.19 -1.90 -1.45
C THR A 105 -10.02 -1.16 -0.80
N GLN A 106 -8.82 -1.49 -1.30
CA GLN A 106 -7.67 -0.63 -1.17
C GLN A 106 -7.25 -0.22 -2.57
N TRP A 107 -6.72 1.00 -2.66
CA TRP A 107 -6.40 1.53 -3.98
C TRP A 107 -4.99 2.12 -4.04
N LEU A 108 -4.43 2.16 -5.28
CA LEU A 108 -3.18 2.80 -5.64
C LEU A 108 -3.45 3.77 -6.79
N LEU A 109 -3.07 5.04 -6.57
CA LEU A 109 -3.18 6.10 -7.57
C LEU A 109 -1.76 6.54 -7.96
N THR A 110 -1.35 6.23 -9.20
CA THR A 110 -0.02 6.60 -9.67
C THR A 110 -0.19 7.73 -10.69
N ALA A 111 0.60 8.78 -10.52
CA ALA A 111 0.72 9.84 -11.51
C ALA A 111 1.97 9.63 -12.34
N GLY A 112 1.91 10.05 -13.61
CA GLY A 112 3.11 10.07 -14.42
C GLY A 112 4.06 11.08 -13.81
N THR A 113 5.31 10.71 -13.59
CA THR A 113 6.25 11.63 -12.99
C THR A 113 7.56 11.54 -13.75
N THR A 114 8.44 12.53 -13.58
CA THR A 114 9.84 12.34 -13.95
C THR A 114 10.48 11.28 -13.06
N GLU A 115 11.65 10.82 -13.48
CA GLU A 115 12.39 9.80 -12.75
C GLU A 115 12.82 10.39 -11.42
N ALA A 116 13.09 11.71 -11.34
CA ALA A 116 13.51 12.28 -10.06
C ALA A 116 12.36 12.33 -9.05
N ASN A 117 11.09 12.37 -9.54
CA ASN A 117 9.94 12.51 -8.68
C ASN A 117 9.21 11.17 -8.50
N ALA A 118 9.77 10.08 -8.99
CA ALA A 118 9.06 8.80 -9.01
C ALA A 118 8.83 8.26 -7.60
N TRP A 119 9.73 8.52 -6.64
CA TRP A 119 9.50 8.10 -5.27
C TRP A 119 8.17 8.63 -4.76
N ALA A 120 7.67 9.77 -5.32
CA ALA A 120 6.44 10.39 -4.87
C ALA A 120 5.30 10.21 -5.86
N SER A 121 5.32 9.12 -6.63
CA SER A 121 4.35 8.93 -7.69
C SER A 121 3.01 8.30 -7.26
N THR A 122 2.96 7.60 -6.10
CA THR A 122 1.85 6.71 -5.81
C THR A 122 1.26 6.98 -4.41
N LEU A 123 -0.03 7.34 -4.44
CA LEU A 123 -0.85 7.46 -3.25
C LEU A 123 -1.50 6.10 -3.00
N VAL A 124 -1.77 5.81 -1.72
CA VAL A 124 -2.54 4.63 -1.34
C VAL A 124 -3.67 5.09 -0.42
N GLY A 125 -4.82 4.46 -0.57
CA GLY A 125 -5.95 4.71 0.31
C GLY A 125 -6.91 3.53 0.31
N HIS A 126 -8.07 3.70 0.95
CA HIS A 126 -9.06 2.65 1.06
C HIS A 126 -10.43 3.27 0.83
N ASP A 127 -11.25 2.60 0.02
CA ASP A 127 -12.61 3.03 -0.29
C ASP A 127 -13.56 1.88 0.05
N THR A 128 -14.66 2.18 0.76
CA THR A 128 -15.70 1.20 1.02
C THR A 128 -16.93 1.65 0.22
N PHE A 129 -17.43 0.77 -0.65
CA PHE A 129 -18.54 1.08 -1.52
C PHE A 129 -19.82 0.41 -1.00
N THR A 130 -20.94 1.14 -1.10
N THR A 130 -20.95 1.15 -0.96
CA THR A 130 -22.25 0.69 -0.65
CA THR A 130 -22.25 0.56 -0.66
C THR A 130 -23.27 1.01 -1.73
C THR A 130 -23.24 0.91 -1.77
N LYS A 131 -24.43 0.32 -1.68
CA LYS A 131 -25.48 0.50 -2.67
C LYS A 131 -26.21 1.83 -2.52
N VAL A 132 -26.16 2.46 -1.34
CA VAL A 132 -26.86 3.71 -1.15
C VAL A 132 -25.91 4.70 -0.46
N LYS A 133 -26.01 5.99 -0.84
CA LYS A 133 -25.08 7.00 -0.39
C LYS A 133 -25.21 7.21 1.12
N ARG B 11 0.73 9.34 -27.55
CA ARG B 11 0.47 7.89 -27.34
C ARG B 11 1.81 7.18 -27.18
N ASP B 12 1.84 6.26 -26.22
CA ASP B 12 2.89 5.27 -26.11
C ASP B 12 2.28 3.93 -26.49
N GLU B 13 1.34 3.95 -27.45
CA GLU B 13 0.68 2.72 -27.86
C GLU B 13 1.71 1.74 -28.40
N ALA B 14 2.60 2.29 -29.25
CA ALA B 14 3.74 1.56 -29.77
C ALA B 14 4.55 0.97 -28.63
N GLY B 15 4.91 1.82 -27.67
CA GLY B 15 5.86 1.45 -26.64
C GLY B 15 5.34 0.37 -25.69
N ILE B 16 4.04 0.43 -25.32
CA ILE B 16 3.50 -0.43 -24.25
C ILE B 16 3.17 -1.81 -24.83
N THR B 17 2.58 -1.81 -26.01
CA THR B 17 2.17 -3.05 -26.65
C THR B 17 3.36 -3.99 -26.80
N GLY B 18 3.12 -5.27 -26.47
CA GLY B 18 4.16 -6.27 -26.54
C GLY B 18 4.25 -7.11 -25.28
N THR B 19 5.40 -7.80 -25.17
CA THR B 19 5.70 -8.71 -24.09
C THR B 19 6.66 -8.02 -23.12
N TRP B 20 6.30 -8.17 -21.84
CA TRP B 20 7.10 -7.69 -20.72
C TRP B 20 7.39 -8.81 -19.71
N TYR B 21 8.45 -8.61 -18.92
CA TYR B 21 8.93 -9.58 -17.93
C TYR B 21 9.26 -8.83 -16.63
N ASN B 22 8.90 -9.42 -15.49
CA ASN B 22 9.20 -8.73 -14.25
C ASN B 22 10.44 -9.40 -13.70
N GLN B 23 10.82 -8.98 -12.49
CA GLN B 23 12.00 -9.44 -11.80
C GLN B 23 11.78 -10.87 -11.27
N LEU B 24 10.54 -11.37 -11.22
CA LEU B 24 10.28 -12.74 -10.77
C LEU B 24 10.30 -13.75 -11.91
N GLY B 25 10.30 -13.29 -13.17
CA GLY B 25 10.12 -14.18 -14.29
C GLY B 25 8.67 -14.30 -14.77
N SER B 26 7.76 -13.52 -14.19
CA SER B 26 6.40 -13.44 -14.73
C SER B 26 6.42 -12.83 -16.13
N THR B 27 5.42 -13.21 -16.92
CA THR B 27 5.22 -12.73 -18.28
C THR B 27 3.90 -12.00 -18.46
N PHE B 28 4.00 -10.79 -19.02
CA PHE B 28 2.89 -9.88 -19.20
C PHE B 28 2.85 -9.55 -20.69
N ILE B 29 1.79 -9.99 -21.34
CA ILE B 29 1.54 -9.72 -22.75
C ILE B 29 0.34 -8.80 -22.83
N VAL B 30 0.51 -7.65 -23.48
CA VAL B 30 -0.50 -6.62 -23.48
C VAL B 30 -0.59 -5.96 -24.85
N THR B 31 -1.80 -5.49 -25.16
CA THR B 31 -2.03 -4.58 -26.26
C THR B 31 -2.62 -3.30 -25.71
N ALA B 32 -2.01 -2.17 -26.07
CA ALA B 32 -2.57 -0.85 -25.78
C ALA B 32 -3.40 -0.39 -26.97
N GLY B 33 -4.72 -0.31 -26.79
CA GLY B 33 -5.61 0.26 -27.78
C GLY B 33 -5.53 1.78 -27.80
N ALA B 34 -6.13 2.37 -28.85
CA ALA B 34 -6.02 3.80 -29.10
C ALA B 34 -6.87 4.62 -28.11
N ASP B 35 -7.92 4.03 -27.50
CA ASP B 35 -8.80 4.82 -26.64
C ASP B 35 -8.54 4.50 -25.16
N GLY B 36 -7.33 4.04 -24.85
CA GLY B 36 -6.83 3.91 -23.48
C GLY B 36 -6.92 2.49 -22.91
N ALA B 37 -7.29 1.49 -23.73
CA ALA B 37 -7.51 0.14 -23.21
C ALA B 37 -6.20 -0.65 -23.12
N LEU B 38 -6.13 -1.56 -22.12
CA LEU B 38 -5.09 -2.55 -22.03
C LEU B 38 -5.79 -3.89 -21.96
N THR B 39 -5.38 -4.79 -22.86
CA THR B 39 -5.99 -6.10 -23.02
C THR B 39 -4.83 -7.08 -23.10
N GLY B 40 -4.93 -8.23 -22.46
CA GLY B 40 -3.95 -9.28 -22.70
C GLY B 40 -4.03 -10.41 -21.69
N THR B 41 -2.85 -10.98 -21.40
CA THR B 41 -2.72 -12.14 -20.53
C THR B 41 -1.47 -12.00 -19.68
N TYR B 42 -1.57 -12.63 -18.52
CA TYR B 42 -0.55 -12.56 -17.48
C TYR B 42 -0.30 -14.00 -17.07
N GLU B 43 0.99 -14.33 -16.93
CA GLU B 43 1.44 -15.62 -16.48
C GLU B 43 2.43 -15.38 -15.34
N SER B 44 2.10 -15.88 -14.15
CA SER B 44 2.88 -15.61 -12.95
C SER B 44 3.85 -16.75 -12.69
N ALA B 45 5.07 -16.40 -12.28
CA ALA B 45 6.11 -17.34 -11.93
C ALA B 45 5.95 -17.81 -10.48
N VAL B 46 5.13 -17.10 -9.67
CA VAL B 46 4.95 -17.48 -8.28
C VAL B 46 3.46 -17.57 -7.94
N GLY B 47 3.21 -18.20 -6.77
CA GLY B 47 1.91 -18.26 -6.15
C GLY B 47 1.04 -19.39 -6.71
N ASN B 48 -0.25 -19.28 -6.42
CA ASN B 48 -1.23 -20.27 -6.83
C ASN B 48 -1.75 -19.86 -8.20
N ALA B 49 -0.98 -20.25 -9.22
CA ALA B 49 -1.16 -19.77 -10.58
C ALA B 49 -0.56 -20.77 -11.58
N GLU B 50 -1.25 -20.96 -12.71
CA GLU B 50 -0.75 -21.83 -13.77
C GLU B 50 -1.23 -21.27 -15.10
N SER B 51 -0.31 -21.15 -16.08
CA SER B 51 -0.64 -20.73 -17.42
C SER B 51 -1.13 -19.26 -17.40
N ARG B 52 -1.89 -18.86 -18.42
CA ARG B 52 -2.21 -17.48 -18.68
C ARG B 52 -3.56 -17.10 -18.07
N TYR B 53 -3.66 -15.86 -17.58
CA TYR B 53 -4.89 -15.31 -17.03
C TYR B 53 -5.21 -14.04 -17.81
N VAL B 54 -6.51 -13.78 -18.00
CA VAL B 54 -6.97 -12.57 -18.64
C VAL B 54 -6.60 -11.35 -17.78
N LEU B 55 -6.18 -10.28 -18.45
CA LEU B 55 -6.03 -9.01 -17.78
C LEU B 55 -6.69 -7.96 -18.64
N THR B 56 -7.14 -6.94 -17.93
CA THR B 56 -7.68 -5.76 -18.55
C THR B 56 -7.20 -4.57 -17.73
N GLY B 57 -6.98 -3.44 -18.39
CA GLY B 57 -6.58 -2.25 -17.68
C GLY B 57 -6.73 -1.02 -18.54
N ARG B 58 -6.19 0.09 -18.07
CA ARG B 58 -6.33 1.38 -18.73
C ARG B 58 -4.97 2.07 -18.71
N TYR B 59 -4.69 2.89 -19.74
CA TYR B 59 -3.52 3.78 -19.69
C TYR B 59 -3.88 5.20 -20.17
N ASP B 60 -3.03 6.17 -19.80
CA ASP B 60 -3.13 7.54 -20.27
C ASP B 60 -2.65 7.59 -21.72
N SER B 61 -3.60 7.80 -22.67
CA SER B 61 -3.34 7.75 -24.10
C SER B 61 -2.70 9.04 -24.59
N ALA B 62 -2.80 10.11 -23.81
CA ALA B 62 -2.25 11.42 -24.15
C ALA B 62 -1.40 11.92 -22.99
N PRO B 63 -0.24 11.29 -22.71
CA PRO B 63 0.59 11.67 -21.57
C PRO B 63 1.19 13.05 -21.78
N ALA B 64 1.78 13.59 -20.72
CA ALA B 64 2.58 14.81 -20.86
C ALA B 64 3.86 14.50 -21.64
N THR B 65 4.33 15.44 -22.44
CA THR B 65 5.47 15.20 -23.32
C THR B 65 6.73 15.75 -22.67
N ASP B 66 6.64 16.02 -21.36
CA ASP B 66 7.67 16.71 -20.60
C ASP B 66 8.68 15.72 -19.99
N GLY B 67 8.76 14.49 -20.50
CA GLY B 67 9.65 13.47 -19.93
C GLY B 67 9.01 12.66 -18.79
N SER B 68 7.79 13.02 -18.37
CA SER B 68 7.05 12.25 -17.38
C SER B 68 6.68 10.90 -17.97
N GLY B 69 6.56 9.88 -17.11
CA GLY B 69 6.04 8.60 -17.54
C GLY B 69 4.54 8.65 -17.87
N THR B 70 4.05 7.53 -18.36
CA THR B 70 2.66 7.33 -18.72
C THR B 70 1.97 6.45 -17.68
N ALA B 71 0.96 7.00 -17.01
CA ALA B 71 0.25 6.27 -15.96
C ALA B 71 -0.56 5.15 -16.57
N LEU B 72 -0.51 3.99 -15.91
CA LEU B 72 -1.41 2.91 -16.28
C LEU B 72 -1.71 2.01 -15.08
N GLY B 73 -2.63 1.08 -15.32
CA GLY B 73 -2.94 0.04 -14.37
C GLY B 73 -3.70 -1.09 -15.04
N TRP B 74 -3.69 -2.27 -14.40
CA TRP B 74 -4.40 -3.41 -14.91
C TRP B 74 -4.72 -4.33 -13.73
N THR B 75 -5.66 -5.23 -13.99
CA THR B 75 -6.14 -6.22 -13.02
C THR B 75 -6.04 -7.61 -13.63
N VAL B 76 -5.69 -8.57 -12.79
CA VAL B 76 -5.83 -10.00 -13.04
C VAL B 76 -6.64 -10.61 -11.91
N ALA B 77 -7.77 -11.28 -12.22
CA ALA B 77 -8.40 -12.21 -11.30
C ALA B 77 -7.83 -13.60 -11.57
N TRP B 78 -7.41 -14.30 -10.50
CA TRP B 78 -6.57 -15.48 -10.60
C TRP B 78 -7.41 -16.72 -10.80
N LYS B 79 -8.34 -16.59 -11.76
CA LYS B 79 -9.16 -17.72 -12.19
C LYS B 79 -8.95 -17.91 -13.69
N ASN B 80 -8.68 -19.17 -14.08
CA ASN B 80 -8.63 -19.51 -15.48
C ASN B 80 -9.11 -20.95 -15.60
N ASN B 81 -8.73 -21.61 -16.71
CA ASN B 81 -9.21 -22.95 -17.01
C ASN B 81 -8.38 -24.00 -16.30
N TYR B 82 -7.47 -23.57 -15.43
CA TYR B 82 -6.71 -24.50 -14.64
C TYR B 82 -7.09 -24.42 -13.18
N ARG B 83 -6.99 -23.22 -12.58
CA ARG B 83 -7.06 -23.04 -11.14
C ARG B 83 -7.92 -21.83 -10.81
N ASN B 84 -8.25 -21.70 -9.54
CA ASN B 84 -8.95 -20.51 -9.08
C ASN B 84 -8.44 -20.23 -7.68
N ALA B 85 -7.67 -19.13 -7.54
CA ALA B 85 -7.01 -18.82 -6.30
C ALA B 85 -7.87 -17.88 -5.46
N HIS B 86 -9.10 -17.58 -5.93
CA HIS B 86 -10.04 -16.74 -5.22
C HIS B 86 -9.37 -15.42 -4.78
N SER B 87 -8.76 -14.73 -5.76
CA SER B 87 -7.92 -13.58 -5.49
C SER B 87 -7.78 -12.76 -6.78
N ALA B 88 -7.37 -11.52 -6.62
CA ALA B 88 -7.16 -10.62 -7.73
C ALA B 88 -6.03 -9.65 -7.41
N THR B 89 -5.18 -9.34 -8.40
CA THR B 89 -4.10 -8.39 -8.26
C THR B 89 -4.39 -7.21 -9.17
N THR B 90 -4.15 -6.00 -8.64
CA THR B 90 -4.11 -4.81 -9.46
C THR B 90 -2.69 -4.25 -9.39
N TRP B 91 -2.17 -3.89 -10.58
CA TRP B 91 -0.89 -3.20 -10.73
C TRP B 91 -1.17 -1.76 -11.13
N SER B 92 -0.49 -0.86 -10.44
CA SER B 92 -0.64 0.57 -10.66
C SER B 92 0.77 1.14 -10.84
N GLY B 93 0.98 1.81 -11.97
CA GLY B 93 2.31 2.34 -12.18
C GLY B 93 2.41 3.30 -13.36
N GLN B 94 3.61 3.29 -13.94
CA GLN B 94 3.91 4.16 -15.05
C GLN B 94 4.92 3.48 -15.98
N TYR B 95 4.71 3.73 -17.28
CA TYR B 95 5.59 3.32 -18.35
C TYR B 95 6.59 4.45 -18.59
N VAL B 96 7.87 4.07 -18.64
CA VAL B 96 8.98 4.98 -18.90
C VAL B 96 9.66 4.50 -20.20
N GLY B 97 9.71 5.38 -21.21
CA GLY B 97 10.32 5.05 -22.49
C GLY B 97 11.84 5.02 -22.40
N GLY B 98 12.51 4.94 -23.57
CA GLY B 98 13.95 4.98 -23.64
C GLY B 98 14.55 3.67 -24.13
N ALA B 99 15.89 3.65 -24.25
CA ALA B 99 16.63 2.48 -24.68
C ALA B 99 16.20 1.26 -23.86
N GLU B 100 16.19 1.42 -22.51
CA GLU B 100 15.70 0.41 -21.57
C GLU B 100 14.35 0.86 -20.98
N ALA B 101 13.30 0.67 -21.79
CA ALA B 101 11.91 0.90 -21.40
C ALA B 101 11.57 0.07 -20.17
N ARG B 102 10.69 0.62 -19.34
CA ARG B 102 10.42 0.02 -18.06
C ARG B 102 8.96 0.32 -17.70
N ILE B 103 8.25 -0.65 -17.07
CA ILE B 103 7.04 -0.29 -16.35
C ILE B 103 7.27 -0.56 -14.87
N ASN B 104 7.26 0.52 -14.07
CA ASN B 104 7.47 0.47 -12.64
C ASN B 104 6.09 0.49 -11.97
N THR B 105 5.81 -0.55 -11.16
CA THR B 105 4.50 -0.73 -10.59
C THR B 105 4.60 -1.02 -9.09
N GLN B 106 3.47 -0.74 -8.45
CA GLN B 106 3.12 -1.30 -7.16
C GLN B 106 1.82 -2.07 -7.34
N TRP B 107 1.62 -3.08 -6.50
CA TRP B 107 0.47 -3.93 -6.67
C TRP B 107 -0.18 -4.26 -5.32
N LEU B 108 -1.47 -4.51 -5.43
CA LEU B 108 -2.30 -5.00 -4.34
C LEU B 108 -2.94 -6.31 -4.78
N LEU B 109 -2.82 -7.31 -3.91
CA LEU B 109 -3.33 -8.65 -4.15
C LEU B 109 -4.30 -8.94 -3.01
N THR B 110 -5.60 -8.93 -3.33
CA THR B 110 -6.66 -9.21 -2.37
C THR B 110 -7.24 -10.61 -2.58
N ALA B 111 -7.38 -11.35 -1.48
CA ALA B 111 -8.03 -12.64 -1.52
C ALA B 111 -9.42 -12.49 -0.93
N GLY B 112 -10.40 -13.24 -1.47
CA GLY B 112 -11.70 -13.30 -0.82
C GLY B 112 -11.55 -13.96 0.57
N THR B 113 -12.01 -13.31 1.62
CA THR B 113 -11.90 -13.84 2.97
C THR B 113 -13.27 -13.73 3.65
N THR B 114 -13.41 -14.46 4.76
CA THR B 114 -14.44 -14.14 5.75
C THR B 114 -14.19 -12.77 6.38
N GLU B 115 -15.25 -12.21 6.96
CA GLU B 115 -15.18 -10.91 7.59
C GLU B 115 -14.17 -10.91 8.73
N ALA B 116 -14.03 -12.04 9.47
CA ALA B 116 -13.12 -12.10 10.60
C ALA B 116 -11.67 -12.09 10.11
N ASN B 117 -11.45 -12.51 8.86
CA ASN B 117 -10.10 -12.61 8.34
C ASN B 117 -9.74 -11.44 7.42
N ALA B 118 -10.65 -10.50 7.20
CA ALA B 118 -10.52 -9.52 6.13
C ALA B 118 -9.39 -8.53 6.43
N TRP B 119 -8.99 -8.39 7.71
CA TRP B 119 -7.83 -7.57 8.01
C TRP B 119 -6.57 -8.10 7.30
N ALA B 120 -6.52 -9.40 6.99
CA ALA B 120 -5.39 -10.03 6.34
C ALA B 120 -5.66 -10.37 4.87
N SER B 121 -6.52 -9.64 4.21
CA SER B 121 -6.96 -9.99 2.87
C SER B 121 -5.95 -9.59 1.78
N THR B 122 -5.09 -8.61 2.05
CA THR B 122 -4.45 -7.85 0.99
C THR B 122 -2.92 -7.77 1.15
N LEU B 123 -2.18 -8.37 0.20
CA LEU B 123 -0.74 -8.21 0.14
C LEU B 123 -0.43 -6.99 -0.74
N VAL B 124 0.72 -6.37 -0.46
CA VAL B 124 1.24 -5.27 -1.26
C VAL B 124 2.66 -5.63 -1.66
N GLY B 125 3.03 -5.17 -2.86
CA GLY B 125 4.38 -5.37 -3.35
C GLY B 125 4.66 -4.46 -4.55
N HIS B 126 5.81 -4.72 -5.21
CA HIS B 126 6.22 -3.90 -6.33
C HIS B 126 6.88 -4.78 -7.40
N ASP B 127 6.55 -4.51 -8.67
CA ASP B 127 7.06 -5.27 -9.80
C ASP B 127 7.66 -4.28 -10.79
N THR B 128 8.88 -4.56 -11.27
CA THR B 128 9.43 -3.81 -12.38
C THR B 128 9.47 -4.67 -13.63
N PHE B 129 8.90 -4.14 -14.71
CA PHE B 129 8.81 -4.86 -15.97
C PHE B 129 9.80 -4.29 -16.99
N THR B 130 10.53 -5.17 -17.67
CA THR B 130 11.38 -4.79 -18.79
C THR B 130 11.02 -5.61 -20.03
N LYS B 131 11.46 -5.15 -21.21
CA LYS B 131 11.16 -5.86 -22.45
C LYS B 131 12.08 -7.07 -22.68
N VAL B 132 13.17 -7.14 -21.89
CA VAL B 132 14.13 -8.24 -21.82
C VAL B 132 14.00 -8.97 -20.48
N LYS B 133 14.00 -10.32 -20.48
CA LYS B 133 13.84 -11.09 -19.25
C LYS B 133 15.07 -10.94 -18.37
N PRO B 134 14.98 -11.13 -17.02
CA PRO B 134 16.16 -11.40 -16.19
C PRO B 134 16.60 -12.86 -16.33
N ASP C 12 -1.38 17.14 19.39
CA ASP C 12 -1.14 17.63 20.77
C ASP C 12 -0.58 16.49 21.64
N GLU C 13 0.18 16.84 22.67
CA GLU C 13 0.79 15.83 23.52
C GLU C 13 -0.27 15.05 24.29
N ALA C 14 -1.17 15.77 24.95
CA ALA C 14 -2.11 15.15 25.88
C ALA C 14 -3.28 14.53 25.12
N GLY C 15 -3.59 15.05 23.92
CA GLY C 15 -4.67 14.53 23.08
C GLY C 15 -4.31 13.16 22.53
N ILE C 16 -3.01 12.97 22.20
CA ILE C 16 -2.52 11.69 21.70
C ILE C 16 -2.26 10.76 22.89
N THR C 17 -1.66 11.25 23.99
CA THR C 17 -1.38 10.40 25.14
C THR C 17 -2.69 9.79 25.66
N GLY C 18 -2.64 8.51 26.02
CA GLY C 18 -3.83 7.78 26.43
C GLY C 18 -4.05 6.45 25.73
N THR C 19 -5.26 5.92 25.94
CA THR C 19 -5.65 4.58 25.52
C THR C 19 -6.55 4.74 24.30
N TRP C 20 -6.23 3.98 23.22
CA TRP C 20 -6.96 4.05 21.96
C TRP C 20 -7.45 2.67 21.59
N TYR C 21 -8.55 2.59 20.83
CA TYR C 21 -9.09 1.31 20.40
C TYR C 21 -9.41 1.35 18.89
N ASN C 22 -9.06 0.29 18.14
CA ASN C 22 -9.38 0.27 16.72
C ASN C 22 -10.66 -0.51 16.50
N GLN C 23 -11.04 -0.62 15.21
CA GLN C 23 -12.30 -1.22 14.77
C GLN C 23 -12.29 -2.74 14.98
N LEU C 24 -11.14 -3.34 15.26
CA LEU C 24 -11.08 -4.77 15.48
C LEU C 24 -11.08 -5.11 16.98
N GLY C 25 -11.13 -4.10 17.84
CA GLY C 25 -11.02 -4.34 19.28
C GLY C 25 -9.57 -4.41 19.78
N SER C 26 -8.59 -3.94 18.99
CA SER C 26 -7.22 -3.86 19.49
C SER C 26 -7.09 -2.62 20.38
N THR C 27 -6.08 -2.67 21.28
CA THR C 27 -5.81 -1.63 22.27
C THR C 27 -4.40 -1.06 22.12
N PHE C 28 -4.35 0.27 21.96
CA PHE C 28 -3.12 1.01 21.72
C PHE C 28 -2.94 1.98 22.89
N ILE C 29 -1.92 1.75 23.72
CA ILE C 29 -1.63 2.56 24.88
C ILE C 29 -0.36 3.37 24.60
N VAL C 30 -0.43 4.70 24.57
CA VAL C 30 0.70 5.45 24.06
C VAL C 30 0.96 6.67 24.94
N THR C 31 2.24 6.95 25.17
CA THR C 31 2.63 8.26 25.63
C THR C 31 3.37 9.02 24.53
N ALA C 32 2.96 10.26 24.33
CA ALA C 32 3.61 11.17 23.41
C ALA C 32 4.53 12.11 24.18
N GLY C 33 5.85 11.97 24.01
CA GLY C 33 6.84 12.87 24.58
C GLY C 33 6.86 14.25 23.90
N ALA C 34 7.36 15.25 24.65
CA ALA C 34 7.55 16.60 24.13
C ALA C 34 8.64 16.58 23.06
N ASP C 35 9.51 15.56 23.10
CA ASP C 35 10.56 15.39 22.12
C ASP C 35 10.04 14.80 20.80
N GLY C 36 8.73 14.53 20.66
CA GLY C 36 8.20 13.93 19.43
C GLY C 36 8.12 12.41 19.50
N ALA C 37 8.52 11.81 20.62
CA ALA C 37 8.50 10.36 20.80
C ALA C 37 7.10 9.80 21.07
N LEU C 38 6.87 8.55 20.61
CA LEU C 38 5.71 7.75 20.98
C LEU C 38 6.27 6.49 21.61
N THR C 39 5.75 6.11 22.80
CA THR C 39 6.12 4.89 23.49
C THR C 39 4.87 4.31 24.14
N GLY C 40 4.82 3.00 24.23
CA GLY C 40 3.69 2.35 24.88
C GLY C 40 3.60 0.88 24.50
N THR C 41 2.36 0.39 24.40
CA THR C 41 2.11 -1.03 24.23
C THR C 41 0.91 -1.19 23.31
N TYR C 42 0.88 -2.32 22.63
CA TYR C 42 -0.18 -2.63 21.69
C TYR C 42 -0.72 -4.01 22.04
N GLU C 43 -2.05 -4.13 22.10
CA GLU C 43 -2.68 -5.43 22.22
C GLU C 43 -3.62 -5.63 21.02
N SER C 44 -3.32 -6.65 20.20
CA SER C 44 -4.03 -6.97 18.96
C SER C 44 -5.14 -7.97 19.20
N ALA C 45 -6.35 -7.70 18.68
CA ALA C 45 -7.47 -8.64 18.82
C ALA C 45 -7.42 -9.79 17.81
N VAL C 46 -6.49 -9.73 16.83
CA VAL C 46 -6.47 -10.65 15.71
C VAL C 46 -5.03 -11.07 15.47
N GLY C 47 -4.88 -12.20 14.76
CA GLY C 47 -3.63 -12.73 14.23
C GLY C 47 -2.84 -13.47 15.29
N ASN C 48 -1.55 -13.66 15.02
CA ASN C 48 -0.67 -14.49 15.82
C ASN C 48 -0.07 -13.65 16.96
N ALA C 49 -0.91 -13.32 17.94
CA ALA C 49 -0.55 -12.36 18.96
C ALA C 49 -1.29 -12.69 20.25
N GLU C 50 -0.62 -12.48 21.39
CA GLU C 50 -1.31 -12.52 22.67
C GLU C 50 -0.63 -11.59 23.67
N SER C 51 -1.43 -10.85 24.44
N SER C 51 -1.48 -10.87 24.41
CA SER C 51 -0.89 -9.99 25.46
CA SER C 51 -1.10 -9.83 25.37
C SER C 51 -0.42 -8.70 24.79
C SER C 51 -0.22 -8.79 24.68
N ARG C 52 0.47 -7.99 25.50
CA ARG C 52 0.92 -6.67 25.09
C ARG C 52 2.27 -6.79 24.38
N TYR C 53 2.47 -5.83 23.46
CA TYR C 53 3.72 -5.72 22.72
C TYR C 53 4.27 -4.29 22.83
N VAL C 54 5.59 -4.17 22.98
CA VAL C 54 6.24 -2.87 22.97
C VAL C 54 6.03 -2.23 21.59
N LEU C 55 5.64 -0.94 21.58
CA LEU C 55 5.70 -0.09 20.40
C LEU C 55 6.52 1.17 20.68
N THR C 56 7.10 1.67 19.57
CA THR C 56 7.81 2.93 19.53
C THR C 56 7.51 3.62 18.21
N GLY C 57 7.46 4.95 18.26
CA GLY C 57 7.25 5.74 17.05
C GLY C 57 7.60 7.22 17.27
N ARG C 58 7.06 8.06 16.38
CA ARG C 58 7.31 9.49 16.35
C ARG C 58 6.04 10.20 15.93
N TYR C 59 5.88 11.47 16.37
CA TYR C 59 4.79 12.31 15.89
C TYR C 59 5.28 13.74 15.66
N ASP C 60 4.54 14.50 14.85
CA ASP C 60 4.84 15.91 14.62
C ASP C 60 4.42 16.71 15.85
N SER C 61 5.42 17.11 16.65
CA SER C 61 5.19 17.86 17.88
C SER C 61 4.90 19.34 17.64
N ALA C 62 4.95 19.81 16.38
CA ALA C 62 4.53 21.18 16.12
C ALA C 62 3.75 21.23 14.82
N PRO C 63 2.51 20.71 14.81
CA PRO C 63 1.73 20.61 13.57
C PRO C 63 1.25 21.94 13.00
N ALA C 64 0.73 21.90 11.77
CA ALA C 64 0.09 23.04 11.14
C ALA C 64 -1.08 23.54 12.01
N THR C 65 -1.53 24.78 11.77
CA THR C 65 -2.61 25.39 12.56
C THR C 65 -3.84 25.65 11.70
N ASP C 66 -3.89 25.04 10.50
CA ASP C 66 -4.88 25.36 9.48
C ASP C 66 -6.00 24.34 9.49
N GLY C 67 -6.10 23.57 10.59
CA GLY C 67 -7.09 22.51 10.72
C GLY C 67 -6.59 21.15 10.23
N SER C 68 -5.32 21.06 9.82
CA SER C 68 -4.76 19.80 9.35
C SER C 68 -4.59 18.85 10.53
N GLY C 69 -4.55 17.55 10.28
CA GLY C 69 -4.18 16.65 11.35
C GLY C 69 -2.67 16.64 11.63
N THR C 70 -2.33 15.85 12.62
CA THR C 70 -0.99 15.64 13.12
C THR C 70 -0.42 14.29 12.67
N ALA C 71 0.62 14.34 11.82
CA ALA C 71 1.26 13.14 11.33
C ALA C 71 1.99 12.39 12.44
N LEU C 72 1.91 11.05 12.35
CA LEU C 72 2.57 10.14 13.25
C LEU C 72 2.71 8.75 12.61
N GLY C 73 3.50 7.92 13.28
CA GLY C 73 3.72 6.52 12.93
C GLY C 73 4.32 5.76 14.09
N TRP C 74 4.11 4.43 14.12
CA TRP C 74 4.76 3.63 15.14
C TRP C 74 4.94 2.22 14.62
N THR C 75 5.81 1.47 15.29
CA THR C 75 6.13 0.09 14.97
C THR C 75 5.84 -0.83 16.16
N VAL C 76 5.31 -2.02 15.85
CA VAL C 76 5.33 -3.17 16.75
C VAL C 76 6.00 -4.32 16.06
N ALA C 77 7.02 -4.91 16.72
CA ALA C 77 7.52 -6.22 16.36
C ALA C 77 6.85 -7.28 17.24
N TRP C 78 6.35 -8.34 16.59
CA TRP C 78 5.36 -9.21 17.21
C TRP C 78 6.08 -10.30 18.01
N LYS C 79 6.94 -9.84 18.93
CA LYS C 79 7.68 -10.69 19.84
C LYS C 79 7.45 -10.14 21.24
N ASN C 80 7.00 -11.03 22.14
CA ASN C 80 6.95 -10.70 23.55
C ASN C 80 7.34 -11.94 24.35
N ASN C 81 7.05 -11.93 25.65
CA ASN C 81 7.42 -13.06 26.49
C ASN C 81 6.59 -14.31 26.19
N TYR C 82 5.42 -14.16 25.54
CA TYR C 82 4.52 -15.27 25.27
C TYR C 82 4.69 -15.82 23.86
N ARG C 83 4.99 -14.98 22.87
CA ARG C 83 4.84 -15.43 21.49
C ARG C 83 5.82 -14.68 20.58
N ASN C 84 6.24 -15.34 19.49
CA ASN C 84 7.01 -14.67 18.46
C ASN C 84 6.45 -15.08 17.10
N ALA C 85 5.90 -14.08 16.37
CA ALA C 85 5.28 -14.29 15.06
C ALA C 85 6.23 -13.92 13.90
N HIS C 86 7.48 -13.56 14.21
CA HIS C 86 8.50 -13.28 13.21
C HIS C 86 7.97 -12.25 12.21
N SER C 87 7.36 -11.19 12.74
CA SER C 87 6.79 -10.15 11.90
C SER C 87 6.72 -8.83 12.65
N ALA C 88 6.48 -7.75 11.89
CA ALA C 88 6.42 -6.39 12.39
C ALA C 88 5.36 -5.58 11.64
N THR C 89 4.58 -4.76 12.36
CA THR C 89 3.65 -3.82 11.73
C THR C 89 4.13 -2.40 11.95
N THR C 90 4.04 -1.56 10.90
CA THR C 90 4.11 -0.13 11.07
C THR C 90 2.77 0.47 10.69
N TRP C 91 2.31 1.42 11.54
CA TRP C 91 1.14 2.23 11.28
C TRP C 91 1.64 3.64 10.93
N SER C 92 1.13 4.15 9.81
CA SER C 92 1.41 5.51 9.38
C SER C 92 0.07 6.23 9.27
N GLY C 93 -0.02 7.40 9.89
CA GLY C 93 -1.30 8.09 9.85
C GLY C 93 -1.28 9.50 10.43
N GLN C 94 -2.47 9.95 10.82
CA GLN C 94 -2.60 11.28 11.39
C GLN C 94 -3.68 11.27 12.48
N TYR C 95 -3.40 12.04 13.55
CA TYR C 95 -4.33 12.29 14.63
C TYR C 95 -5.17 13.51 14.28
N VAL C 96 -6.48 13.40 14.51
CA VAL C 96 -7.42 14.46 14.22
C VAL C 96 -8.15 14.70 15.53
N GLY C 97 -8.02 15.90 16.11
CA GLY C 97 -8.60 16.18 17.41
C GLY C 97 -10.09 16.54 17.33
N GLY C 98 -10.74 16.69 18.49
CA GLY C 98 -12.08 17.24 18.55
C GLY C 98 -13.02 16.32 19.30
N ALA C 99 -14.30 16.62 19.23
CA ALA C 99 -15.24 15.95 20.10
C ALA C 99 -15.14 14.46 19.83
N GLU C 100 -14.88 14.15 18.54
CA GLU C 100 -14.85 12.81 17.99
C GLU C 100 -13.42 12.50 17.55
N ALA C 101 -12.48 12.54 18.50
CA ALA C 101 -11.05 12.42 18.23
C ALA C 101 -10.73 11.06 17.57
N ARG C 102 -9.83 11.07 16.58
CA ARG C 102 -9.50 9.87 15.82
C ARG C 102 -8.02 9.86 15.48
N ILE C 103 -7.44 8.65 15.40
CA ILE C 103 -6.17 8.43 14.67
C ILE C 103 -6.44 7.52 13.47
N ASN C 104 -6.37 8.11 12.26
CA ASN C 104 -6.59 7.42 10.99
C ASN C 104 -5.25 6.92 10.45
N THR C 105 -5.14 5.60 10.28
CA THR C 105 -3.87 4.97 9.87
C THR C 105 -4.05 4.03 8.69
N GLN C 106 -2.92 3.82 7.99
CA GLN C 106 -2.69 2.66 7.14
C GLN C 106 -1.47 1.95 7.68
N TRP C 107 -1.43 0.63 7.46
CA TRP C 107 -0.37 -0.14 8.06
C TRP C 107 0.19 -1.13 7.06
N LEU C 108 1.43 -1.51 7.33
CA LEU C 108 2.15 -2.56 6.63
C LEU C 108 2.65 -3.57 7.65
N LEU C 109 2.41 -4.85 7.36
CA LEU C 109 2.79 -5.93 8.24
C LEU C 109 3.67 -6.85 7.43
N THR C 110 4.97 -6.83 7.74
CA THR C 110 5.92 -7.66 7.03
C THR C 110 6.35 -8.82 7.91
N ALA C 111 6.36 -10.02 7.33
CA ALA C 111 6.86 -11.21 7.99
C ALA C 111 8.20 -11.55 7.39
N GLY C 112 9.11 -12.03 8.25
CA GLY C 112 10.36 -12.59 7.76
C GLY C 112 10.06 -13.75 6.82
N THR C 113 10.63 -13.73 5.63
CA THR C 113 10.35 -14.77 4.64
C THR C 113 11.67 -15.24 4.05
N THR C 114 11.65 -16.36 3.32
CA THR C 114 12.76 -16.69 2.43
C THR C 114 12.74 -15.72 1.26
N GLU C 115 13.86 -15.65 0.54
CA GLU C 115 13.96 -14.81 -0.64
C GLU C 115 12.92 -15.20 -1.70
N ALA C 116 12.59 -16.50 -1.76
CA ALA C 116 11.69 -17.04 -2.76
C ALA C 116 10.25 -16.55 -2.49
N ASN C 117 9.89 -16.48 -1.20
CA ASN C 117 8.56 -16.10 -0.77
C ASN C 117 8.44 -14.61 -0.43
N ALA C 118 9.47 -13.81 -0.74
CA ALA C 118 9.51 -12.40 -0.33
C ALA C 118 8.43 -11.57 -1.04
N TRP C 119 8.00 -11.98 -2.23
CA TRP C 119 6.96 -11.26 -2.95
C TRP C 119 5.68 -11.23 -2.11
N ALA C 120 5.53 -12.24 -1.24
CA ALA C 120 4.36 -12.38 -0.41
C ALA C 120 4.64 -12.03 1.06
N SER C 121 5.58 -11.14 1.34
CA SER C 121 5.99 -10.85 2.70
C SER C 121 5.10 -9.83 3.44
N THR C 122 4.33 -8.99 2.72
CA THR C 122 3.78 -7.77 3.33
C THR C 122 2.28 -7.61 3.07
N LEU C 123 1.51 -7.56 4.18
CA LEU C 123 0.12 -7.18 4.16
C LEU C 123 0.00 -5.67 4.37
N VAL C 124 -1.08 -5.13 3.77
CA VAL C 124 -1.47 -3.75 3.91
C VAL C 124 -2.92 -3.72 4.36
N GLY C 125 -3.22 -2.74 5.22
CA GLY C 125 -4.56 -2.50 5.71
C GLY C 125 -4.68 -1.10 6.31
N HIS C 126 -5.81 -0.88 6.98
CA HIS C 126 -6.14 0.43 7.53
C HIS C 126 -6.88 0.22 8.86
N ASP C 127 -6.48 1.00 9.88
CA ASP C 127 -7.09 0.94 11.20
C ASP C 127 -7.49 2.35 11.61
N THR C 128 -8.70 2.51 12.14
CA THR C 128 -9.09 3.78 12.71
C THR C 128 -9.22 3.61 14.22
N PHE C 129 -8.51 4.45 14.97
CA PHE C 129 -8.52 4.40 16.42
C PHE C 129 -9.42 5.50 16.99
N THR C 130 -10.19 5.14 18.04
CA THR C 130 -11.00 6.12 18.75
C THR C 130 -10.75 5.95 20.24
N LYS C 131 -11.20 6.94 21.02
CA LYS C 131 -10.98 7.02 22.46
C LYS C 131 -11.95 6.11 23.25
N VAL C 132 -13.09 5.77 22.64
CA VAL C 132 -13.95 4.71 23.17
C VAL C 132 -14.09 3.58 22.14
N LYS C 133 -14.37 2.34 22.59
CA LYS C 133 -14.56 1.21 21.67
C LYS C 133 -15.81 1.45 20.81
N ASP D 12 21.43 -10.93 14.83
CA ASP D 12 21.41 -9.89 13.78
C ASP D 12 21.65 -8.47 14.31
N GLU D 13 21.88 -8.31 15.62
CA GLU D 13 22.03 -6.99 16.24
C GLU D 13 23.25 -6.27 15.68
N ALA D 14 24.40 -6.97 15.56
CA ALA D 14 25.61 -6.40 14.98
C ALA D 14 25.42 -6.16 13.49
N GLY D 15 24.69 -7.08 12.85
CA GLY D 15 24.47 -7.03 11.42
C GLY D 15 23.54 -5.89 10.98
N ILE D 16 22.48 -5.61 11.76
CA ILE D 16 21.56 -4.51 11.48
C ILE D 16 22.23 -3.18 11.88
N THR D 17 22.93 -3.14 13.03
CA THR D 17 23.59 -1.92 13.48
C THR D 17 24.58 -1.45 12.42
N GLY D 18 24.52 -0.16 12.07
CA GLY D 18 25.43 0.37 11.06
C GLY D 18 24.83 1.54 10.27
N THR D 19 25.54 1.90 9.19
CA THR D 19 25.13 2.95 8.28
C THR D 19 24.68 2.31 6.98
N TRP D 20 23.43 2.62 6.60
CA TRP D 20 22.78 2.07 5.44
C TRP D 20 22.40 3.18 4.47
N TYR D 21 22.36 2.85 3.18
CA TYR D 21 21.92 3.77 2.15
C TYR D 21 20.87 3.09 1.28
N ASN D 22 19.87 3.87 0.85
CA ASN D 22 18.87 3.32 -0.05
C ASN D 22 19.25 3.73 -1.48
N GLN D 23 18.42 3.29 -2.44
CA GLN D 23 18.64 3.52 -3.87
C GLN D 23 18.55 5.00 -4.24
N LEU D 24 18.03 5.87 -3.36
CA LEU D 24 17.98 7.32 -3.63
C LEU D 24 19.19 8.02 -3.02
N GLY D 25 19.98 7.31 -2.23
CA GLY D 25 21.13 7.91 -1.56
C GLY D 25 20.80 8.46 -0.18
N SER D 26 19.60 8.18 0.34
CA SER D 26 19.30 8.51 1.72
C SER D 26 20.19 7.69 2.65
N THR D 27 20.49 8.26 3.82
CA THR D 27 21.34 7.65 4.83
C THR D 27 20.55 7.29 6.10
N PHE D 28 20.64 6.02 6.47
CA PHE D 28 19.95 5.45 7.62
C PHE D 28 21.01 4.91 8.58
N ILE D 29 21.21 5.62 9.70
CA ILE D 29 22.18 5.25 10.73
C ILE D 29 21.39 4.69 11.92
N VAL D 30 21.60 3.43 12.19
CA VAL D 30 20.74 2.74 13.14
C VAL D 30 21.58 1.89 14.07
N THR D 31 21.05 1.74 15.28
CA THR D 31 21.59 0.83 16.28
C THR D 31 20.48 -0.10 16.75
N ALA D 32 20.72 -1.40 16.61
CA ALA D 32 19.81 -2.42 17.05
C ALA D 32 20.17 -2.77 18.49
N GLY D 33 19.21 -2.62 19.39
CA GLY D 33 19.38 -2.94 20.80
C GLY D 33 19.08 -4.42 21.09
N ALA D 34 19.54 -4.84 22.27
CA ALA D 34 19.32 -6.18 22.79
C ALA D 34 17.82 -6.47 22.94
N ASP D 35 17.02 -5.46 23.31
CA ASP D 35 15.62 -5.65 23.69
C ASP D 35 14.68 -5.45 22.48
N GLY D 36 15.19 -5.57 21.25
CA GLY D 36 14.40 -5.37 20.04
C GLY D 36 14.27 -3.90 19.59
N ALA D 37 15.03 -2.96 20.17
CA ALA D 37 14.83 -1.56 19.78
C ALA D 37 15.68 -1.19 18.56
N LEU D 38 15.17 -0.27 17.72
CA LEU D 38 15.99 0.44 16.72
C LEU D 38 15.95 1.91 17.08
N THR D 39 17.13 2.56 17.05
CA THR D 39 17.28 3.96 17.38
C THR D 39 18.32 4.53 16.40
N GLY D 40 18.13 5.78 16.00
CA GLY D 40 19.11 6.36 15.11
C GLY D 40 18.63 7.65 14.46
N THR D 41 19.19 7.88 13.25
CA THR D 41 18.94 9.07 12.48
C THR D 41 18.75 8.68 11.02
N TYR D 42 17.91 9.46 10.36
CA TYR D 42 17.65 9.30 8.94
C TYR D 42 17.85 10.65 8.28
N GLU D 43 18.52 10.63 7.12
CA GLU D 43 18.72 11.82 6.29
C GLU D 43 18.20 11.49 4.90
N SER D 44 17.21 12.27 4.43
CA SER D 44 16.58 11.96 3.16
C SER D 44 17.27 12.69 2.00
N ALA D 45 17.53 12.01 0.88
CA ALA D 45 18.03 12.66 -0.32
C ALA D 45 16.90 13.36 -1.10
N VAL D 46 15.63 13.16 -0.75
CA VAL D 46 14.52 13.75 -1.49
C VAL D 46 13.47 14.34 -0.54
N GLY D 47 12.51 15.07 -1.15
CA GLY D 47 11.38 15.71 -0.50
C GLY D 47 11.77 16.94 0.33
N ASN D 48 10.85 17.36 1.19
CA ASN D 48 10.98 18.50 2.08
C ASN D 48 11.69 18.04 3.34
N ALA D 49 13.02 17.95 3.24
CA ALA D 49 13.88 17.42 4.29
C ALA D 49 15.26 18.06 4.22
N GLU D 50 15.87 18.32 5.39
CA GLU D 50 17.23 18.83 5.49
C GLU D 50 17.87 18.24 6.72
N SER D 51 19.04 17.61 6.54
CA SER D 51 19.84 17.13 7.65
C SER D 51 19.16 15.87 8.23
N ARG D 52 19.44 15.59 9.50
CA ARG D 52 19.11 14.32 10.13
C ARG D 52 17.87 14.48 11.00
N TYR D 53 17.13 13.37 11.08
CA TYR D 53 15.85 13.28 11.77
C TYR D 53 15.94 12.06 12.68
N VAL D 54 15.31 12.16 13.85
CA VAL D 54 15.28 11.05 14.80
C VAL D 54 14.43 9.94 14.17
N LEU D 55 14.89 8.70 14.33
CA LEU D 55 14.03 7.55 14.04
C LEU D 55 13.99 6.64 15.27
N THR D 56 12.89 5.88 15.37
CA THR D 56 12.79 4.82 16.35
C THR D 56 12.03 3.67 15.69
N GLY D 57 12.34 2.46 16.12
CA GLY D 57 11.62 1.31 15.60
C GLY D 57 11.82 0.05 16.43
N ARG D 58 11.43 -1.08 15.83
CA ARG D 58 11.54 -2.40 16.44
C ARG D 58 11.98 -3.39 15.37
N TYR D 59 12.65 -4.44 15.83
CA TYR D 59 13.02 -5.61 15.04
C TYR D 59 12.86 -6.87 15.91
N ASP D 60 12.72 -8.01 15.23
CA ASP D 60 12.59 -9.34 15.82
C ASP D 60 13.97 -9.76 16.31
N SER D 61 14.18 -9.71 17.64
CA SER D 61 15.50 -9.97 18.23
C SER D 61 15.75 -11.47 18.40
N ALA D 62 14.77 -12.31 18.06
CA ALA D 62 14.95 -13.76 18.01
C ALA D 62 14.25 -14.33 16.79
N PRO D 63 14.81 -14.17 15.58
CA PRO D 63 14.14 -14.61 14.37
C PRO D 63 14.19 -16.12 14.14
N ALA D 64 13.49 -16.58 13.09
CA ALA D 64 13.49 -17.96 12.64
C ALA D 64 14.90 -18.38 12.19
N THR D 65 15.15 -19.69 12.20
CA THR D 65 16.44 -20.24 11.84
C THR D 65 16.33 -21.03 10.54
N ASP D 66 15.40 -20.65 9.67
CA ASP D 66 15.01 -21.47 8.53
C ASP D 66 15.40 -20.80 7.21
N GLY D 67 16.28 -19.78 7.30
CA GLY D 67 16.68 -19.00 6.14
C GLY D 67 15.81 -17.74 5.91
N SER D 68 14.80 -17.50 6.75
CA SER D 68 13.92 -16.34 6.63
C SER D 68 14.64 -15.06 7.01
N GLY D 69 14.14 -13.93 6.52
CA GLY D 69 14.67 -12.66 6.98
C GLY D 69 14.17 -12.34 8.37
N THR D 70 14.70 -11.22 8.91
CA THR D 70 14.34 -10.62 10.17
C THR D 70 13.41 -9.42 9.95
N ALA D 71 12.20 -9.51 10.50
CA ALA D 71 11.19 -8.46 10.36
C ALA D 71 11.54 -7.24 11.21
N LEU D 72 11.35 -6.06 10.63
CA LEU D 72 11.62 -4.84 11.38
C LEU D 72 10.79 -3.72 10.79
N GLY D 73 10.70 -2.63 11.54
CA GLY D 73 10.11 -1.41 11.05
C GLY D 73 10.62 -0.22 11.84
N TRP D 74 10.52 0.98 11.28
CA TRP D 74 10.86 2.20 11.98
C TRP D 74 10.07 3.35 11.41
N THR D 75 10.07 4.45 12.18
CA THR D 75 9.32 5.64 11.91
C THR D 75 10.24 6.84 11.95
N VAL D 76 10.07 7.73 10.97
CA VAL D 76 10.58 9.11 11.05
C VAL D 76 9.40 10.07 10.96
N ALA D 77 9.35 11.01 11.91
CA ALA D 77 8.54 12.23 11.80
C ALA D 77 9.44 13.36 11.25
N TRP D 78 9.00 14.02 10.19
CA TRP D 78 9.86 14.89 9.41
C TRP D 78 9.90 16.32 10.01
N LYS D 79 10.19 16.35 11.31
CA LYS D 79 10.44 17.55 12.07
C LYS D 79 11.83 17.44 12.70
N ASN D 80 12.67 18.46 12.44
CA ASN D 80 13.92 18.64 13.18
C ASN D 80 14.11 20.15 13.39
N ASN D 81 15.33 20.58 13.74
CA ASN D 81 15.59 22.00 13.92
C ASN D 81 15.60 22.83 12.64
N TYR D 82 15.59 22.20 11.47
CA TYR D 82 15.77 22.89 10.20
C TYR D 82 14.46 22.97 9.44
N ARG D 83 13.57 21.98 9.62
CA ARG D 83 12.39 21.85 8.77
C ARG D 83 11.28 21.11 9.50
N ASN D 84 10.05 21.35 9.04
CA ASN D 84 8.90 20.57 9.45
C ASN D 84 7.98 20.38 8.24
N ALA D 85 7.92 19.15 7.72
CA ALA D 85 7.10 18.80 6.58
C ALA D 85 5.70 18.33 7.01
N HIS D 86 5.41 18.35 8.31
CA HIS D 86 4.12 17.92 8.87
C HIS D 86 3.73 16.56 8.28
N SER D 87 4.64 15.60 8.42
CA SER D 87 4.47 14.30 7.81
C SER D 87 5.35 13.31 8.54
N ALA D 88 5.05 12.03 8.32
CA ALA D 88 5.80 10.95 8.94
C ALA D 88 5.89 9.78 7.96
N THR D 89 7.04 9.12 7.94
CA THR D 89 7.20 7.90 7.15
C THR D 89 7.45 6.73 8.09
N THR D 90 6.81 5.59 7.77
CA THR D 90 7.13 4.31 8.36
C THR D 90 7.59 3.36 7.26
N TRP D 91 8.70 2.67 7.59
CA TRP D 91 9.25 1.60 6.77
C TRP D 91 8.99 0.26 7.46
N SER D 92 8.44 -0.70 6.70
CA SER D 92 8.22 -2.04 7.19
C SER D 92 9.00 -2.96 6.27
N GLY D 93 9.79 -3.89 6.81
CA GLY D 93 10.52 -4.76 5.91
C GLY D 93 11.25 -5.87 6.64
N GLN D 94 12.31 -6.36 6.02
CA GLN D 94 13.10 -7.42 6.62
C GLN D 94 14.57 -7.26 6.26
N TYR D 95 15.42 -7.60 7.22
CA TYR D 95 16.86 -7.70 7.04
C TYR D 95 17.23 -9.11 6.56
N VAL D 96 18.08 -9.16 5.53
CA VAL D 96 18.63 -10.38 4.95
C VAL D 96 20.14 -10.30 5.15
N GLY D 97 20.68 -11.27 5.89
CA GLY D 97 22.10 -11.23 6.24
C GLY D 97 22.99 -11.70 5.09
N GLY D 98 24.29 -11.86 5.40
CA GLY D 98 25.18 -12.63 4.56
C GLY D 98 25.88 -11.80 3.50
N ALA D 99 25.97 -12.40 2.30
CA ALA D 99 26.75 -11.85 1.21
C ALA D 99 26.19 -10.47 0.89
N GLU D 100 25.01 -10.44 0.27
CA GLU D 100 24.34 -9.20 -0.10
C GLU D 100 23.53 -8.77 1.12
N ALA D 101 24.16 -8.07 2.07
CA ALA D 101 23.44 -7.63 3.26
C ALA D 101 22.48 -6.53 2.82
N ARG D 102 21.19 -6.72 3.10
CA ARG D 102 20.13 -5.91 2.52
C ARG D 102 19.02 -5.76 3.56
N ILE D 103 18.44 -4.55 3.65
CA ILE D 103 17.12 -4.38 4.23
C ILE D 103 16.12 -3.98 3.14
N ASN D 104 15.14 -4.86 2.86
CA ASN D 104 14.10 -4.61 1.89
C ASN D 104 12.85 -4.10 2.60
N THR D 105 12.36 -2.91 2.21
CA THR D 105 11.23 -2.28 2.88
C THR D 105 10.19 -1.80 1.88
N GLN D 106 8.96 -1.70 2.40
CA GLN D 106 7.93 -0.84 1.85
C GLN D 106 7.65 0.24 2.89
N TRP D 107 7.20 1.38 2.40
CA TRP D 107 6.96 2.53 3.26
C TRP D 107 5.66 3.24 2.96
N LEU D 108 5.19 3.96 4.00
CA LEU D 108 3.98 4.77 4.00
C LEU D 108 4.34 6.13 4.57
N LEU D 109 4.13 7.14 3.77
CA LEU D 109 4.45 8.52 4.14
C LEU D 109 3.12 9.25 4.21
N THR D 110 2.71 9.58 5.45
CA THR D 110 1.44 10.28 5.67
C THR D 110 1.71 11.75 6.04
N ALA D 111 1.02 12.64 5.35
CA ALA D 111 1.05 14.05 5.70
C ALA D 111 -0.16 14.40 6.57
N GLY D 112 0.04 15.37 7.46
CA GLY D 112 -1.11 15.99 8.11
C GLY D 112 -1.93 16.70 7.05
N THR D 113 -3.24 16.40 6.98
CA THR D 113 -4.11 17.06 6.00
C THR D 113 -5.40 17.54 6.67
N THR D 114 -6.14 18.39 5.97
CA THR D 114 -7.55 18.57 6.30
C THR D 114 -8.31 17.29 6.01
N GLU D 115 -9.52 17.19 6.61
CA GLU D 115 -10.43 16.09 6.36
C GLU D 115 -10.81 16.06 4.88
N ALA D 116 -10.95 17.21 4.21
CA ALA D 116 -11.32 17.22 2.80
C ALA D 116 -10.24 16.58 1.91
N ASN D 117 -8.99 16.65 2.36
CA ASN D 117 -7.87 16.23 1.53
C ASN D 117 -7.26 14.92 2.03
N ALA D 118 -7.90 14.27 3.02
CA ALA D 118 -7.34 13.12 3.71
C ALA D 118 -7.24 11.91 2.78
N TRP D 119 -8.09 11.85 1.76
CA TRP D 119 -8.00 10.84 0.71
C TRP D 119 -6.61 10.81 0.05
N ALA D 120 -5.94 11.96 -0.05
CA ALA D 120 -4.62 12.05 -0.67
C ALA D 120 -3.52 12.31 0.36
N SER D 121 -3.64 11.76 1.55
CA SER D 121 -2.70 11.98 2.65
C SER D 121 -1.44 11.11 2.60
N THR D 122 -1.49 9.96 1.90
CA THR D 122 -0.54 8.89 2.09
C THR D 122 0.09 8.43 0.78
N LEU D 123 1.42 8.55 0.71
CA LEU D 123 2.23 8.00 -0.37
C LEU D 123 2.74 6.62 0.05
N VAL D 124 2.88 5.75 -0.95
CA VAL D 124 3.46 4.43 -0.74
C VAL D 124 4.63 4.24 -1.71
N GLY D 125 5.69 3.62 -1.18
CA GLY D 125 6.83 3.27 -2.02
C GLY D 125 7.62 2.12 -1.45
N HIS D 126 8.81 1.89 -2.03
CA HIS D 126 9.67 0.80 -1.62
C HIS D 126 11.10 1.28 -1.66
N ASP D 127 11.86 0.94 -0.62
CA ASP D 127 13.27 1.26 -0.49
C ASP D 127 14.07 -0.01 -0.14
N THR D 128 15.20 -0.19 -0.83
CA THR D 128 16.16 -1.23 -0.49
C THR D 128 17.42 -0.58 0.04
N PHE D 129 17.88 -1.06 1.18
CA PHE D 129 19.04 -0.48 1.84
C PHE D 129 20.22 -1.45 1.74
N THR D 130 21.42 -0.92 1.45
CA THR D 130 22.66 -1.69 1.53
C THR D 130 23.69 -0.82 2.25
N LYS D 131 24.76 -1.42 2.77
CA LYS D 131 25.81 -0.64 3.40
C LYS D 131 26.74 0.08 2.41
N VAL D 132 26.61 -0.14 1.10
CA VAL D 132 27.36 0.54 0.05
C VAL D 132 26.58 1.74 -0.48
N LYS D 133 27.13 2.96 -0.41
CA LYS D 133 26.47 4.14 -0.96
C LYS D 133 26.53 4.09 -2.48
N PRO D 134 25.40 4.08 -3.24
CA PRO D 134 25.43 4.10 -4.71
C PRO D 134 25.67 5.51 -5.30
#